data_5VS2
#
_entry.id   5VS2
#
_cell.length_a   50.940
_cell.length_b   80.490
_cell.length_c   55.660
_cell.angle_alpha   90.000
_cell.angle_beta   107.280
_cell.angle_gamma   90.000
#
_symmetry.space_group_name_H-M   'P 1 21 1'
#
loop_
_entity.id
_entity.type
_entity.pdbx_description
1 polymer "DNA (5'-D(*CP*CP*GP*AP*CP*AP*(8OG)P*GP*CP*GP*CP*AP*TP*CP*AP*G)-3')"
2 polymer "DNA (5'-D(*CP*TP*GP*AP*TP*GP*CP*GP*CP*A)-3')"
3 polymer "DNA (5'-D(P*GP*TP*CP*GP*G)-3')"
4 polymer 'DNA polymerase beta'
5 non-polymer 'CALCIUM ION'
6 non-polymer 'SODIUM ION'
7 non-polymer "THYMIDINE-5'-TRIPHOSPHATE"
8 water water
#
loop_
_entity_poly.entity_id
_entity_poly.type
_entity_poly.pdbx_seq_one_letter_code
_entity_poly.pdbx_strand_id
1 'polydeoxyribonucleotide' (DC)(DC)(DG)(DA)(DC)(DA)(8OG)(DG)(DC)(DG)(DC)(DA)(DT)(DC)(DA)(DG) T
2 'polydeoxyribonucleotide' (DC)(DT)(DG)(DA)(DT)(DG)(DC)(DG)(DC)(DA) P
3 'polydeoxyribonucleotide' (DG)(DT)(DC)(DG)(DG) D
4 'polypeptide(L)'
;MSKRKAPQETLNGGITDMLTELANFEKNVSQAIHKYNAYRKAASVIAKYPHKIKSGAEAKKLPGVGTKIAEKIDEFLATG
KLRKLEKIRQDDTSSSINFLTRVSGIGPSAARKFVDEGIKTLEDLRKNEDKLNHHQRIGLKYFGDFEKRIPREEMLQMQD
IVLNEVKKVDSEYIATVCGSFRRGAESSGDMDVLLTHPSFTSESTKQPKLLHQVVEQLQKVHFITDTLSKGETKFMGVCQ
LPSKNDEKEYPHRRIDIRLIPKDQYYCGVLYFTGSDIFNKNMRAHALEKGFTINEYTIRPLGVTGVAGEPLPVDSEKDIF
DYIQWKYREPKDRSEHHHHHH
;
A
#
loop_
_chem_comp.id
_chem_comp.type
_chem_comp.name
_chem_comp.formula
8OG DNA linking 8-OXO-2'-DEOXY-GUANOSINE-5'-MONOPHOSPHATE 'C10 H14 N5 O8 P'
CA non-polymer 'CALCIUM ION' 'Ca 2'
DA DNA linking 2'-DEOXYADENOSINE-5'-MONOPHOSPHATE 'C10 H14 N5 O6 P'
DC DNA linking 2'-DEOXYCYTIDINE-5'-MONOPHOSPHATE 'C9 H14 N3 O7 P'
DG DNA linking 2'-DEOXYGUANOSINE-5'-MONOPHOSPHATE 'C10 H14 N5 O7 P'
DT DNA linking THYMIDINE-5'-MONOPHOSPHATE 'C10 H15 N2 O8 P'
NA non-polymer 'SODIUM ION' 'Na 1'
TTP non-polymer THYMIDINE-5'-TRIPHOSPHATE 'C10 H17 N2 O14 P3'
#
# COMPACT_ATOMS: atom_id res chain seq x y z
P 8OG A 7 -8.48 0.39 14.71
OP1 8OG A 7 -8.85 1.65 15.44
OP2 8OG A 7 -8.77 -1.00 15.17
O5' 8OG A 7 -9.14 0.56 13.26
C5' 8OG A 7 -9.13 1.84 12.66
C4' 8OG A 7 -9.67 1.76 11.22
O4' 8OG A 7 -8.69 1.12 10.37
C3' 8OG A 7 -11.01 1.05 11.06
O3' 8OG A 7 -11.98 2.01 10.68
C2' 8OG A 7 -10.76 0.00 10.00
C1' 8OG A 7 -9.46 0.51 9.36
N9 8OG A 7 -8.67 -0.54 8.66
C8 8OG A 7 -8.18 -0.38 7.45
N7 8OG A 7 -7.52 -1.39 6.96
C5 8OG A 7 -7.58 -2.30 7.90
C6 8OG A 7 -7.06 -3.68 7.96
O6 8OG A 7 -6.43 -4.03 6.95
N1 8OG A 7 -7.25 -4.38 9.09
C2 8OG A 7 -7.96 -3.83 10.12
N2 8OG A 7 -8.19 -4.57 11.25
N3 8OG A 7 -8.48 -2.57 10.12
C4 8OG A 7 -8.34 -1.77 9.04
O8 8OG A 7 -8.32 0.72 6.76
N GLN D 8 19.49 -1.00 -3.83
CA GLN D 8 18.97 -0.80 -2.45
C GLN D 8 19.93 -1.35 -1.37
N GLU D 9 21.22 -0.97 -1.44
CA GLU D 9 22.23 -1.39 -0.44
C GLU D 9 22.20 -0.46 0.78
N THR D 10 22.03 -1.03 1.98
CA THR D 10 21.59 -0.26 3.16
C THR D 10 22.15 -0.79 4.51
N LEU D 11 22.09 0.05 5.56
CA LEU D 11 22.83 -0.23 6.83
C LEU D 11 22.61 -1.61 7.50
N ASN D 12 21.35 -1.98 7.75
CA ASN D 12 21.10 -3.32 8.21
C ASN D 12 20.32 -4.11 7.15
N GLY D 13 20.65 -3.90 5.88
CA GLY D 13 19.87 -4.43 4.72
C GLY D 13 19.76 -5.93 4.73
N GLY D 14 20.84 -6.62 5.06
CA GLY D 14 20.80 -8.08 5.29
C GLY D 14 19.65 -8.45 6.23
N ILE D 15 19.57 -7.78 7.36
CA ILE D 15 18.62 -8.19 8.36
C ILE D 15 17.21 -7.82 7.92
N THR D 16 17.01 -6.64 7.38
CA THR D 16 15.64 -6.23 7.08
C THR D 16 15.10 -7.03 5.88
N ASP D 17 15.94 -7.32 4.89
CA ASP D 17 15.56 -8.25 3.81
C ASP D 17 15.10 -9.59 4.36
N MET D 18 15.86 -10.16 5.28
CA MET D 18 15.49 -11.46 5.85
C MET D 18 14.13 -11.41 6.55
N LEU D 19 13.88 -10.37 7.34
CA LEU D 19 12.60 -10.27 8.02
C LEU D 19 11.42 -10.00 7.09
N THR D 20 11.67 -9.24 6.04
CA THR D 20 10.65 -8.96 5.02
C THR D 20 10.26 -10.27 4.37
N GLU D 21 11.23 -11.07 3.98
CA GLU D 21 10.97 -12.38 3.35
C GLU D 21 10.14 -13.27 4.26
N LEU D 22 10.50 -13.27 5.53
CA LEU D 22 9.78 -14.03 6.50
C LEU D 22 8.38 -13.48 6.67
N ALA D 23 8.20 -12.19 6.56
CA ALA D 23 6.85 -11.65 6.63
C ALA D 23 6.04 -12.05 5.41
N ASN D 24 6.63 -12.05 4.22
CA ASN D 24 5.88 -12.48 3.03
C ASN D 24 5.44 -13.98 3.15
N PHE D 25 6.29 -14.83 3.74
CA PHE D 25 5.98 -16.25 3.96
C PHE D 25 4.79 -16.39 4.87
N GLU D 26 4.82 -15.69 5.98
CA GLU D 26 3.76 -15.83 6.94
C GLU D 26 2.43 -15.34 6.34
N LYS D 27 2.48 -14.30 5.51
CA LYS D 27 1.26 -13.78 4.86
C LYS D 27 0.73 -14.70 3.77
N ASN D 28 1.62 -15.08 2.87
CA ASN D 28 1.23 -15.81 1.67
C ASN D 28 1.06 -17.31 1.85
N VAL D 29 1.86 -17.92 2.72
CA VAL D 29 1.92 -19.38 2.81
C VAL D 29 1.23 -19.86 4.09
N SER D 30 1.72 -19.40 5.25
CA SER D 30 1.08 -19.64 6.53
C SER D 30 -0.28 -18.98 6.72
N GLN D 31 -0.52 -17.89 6.01
CA GLN D 31 -1.75 -17.07 6.15
C GLN D 31 -1.96 -16.57 7.60
N ALA D 32 -0.90 -16.01 8.16
CA ALA D 32 -0.92 -15.50 9.54
C ALA D 32 -0.67 -13.98 9.56
N ILE D 33 -1.74 -13.22 9.39
CA ILE D 33 -1.66 -11.79 9.13
C ILE D 33 -0.92 -11.06 10.25
N HIS D 34 -1.05 -11.53 11.49
CA HIS D 34 -0.39 -10.87 12.61
C HIS D 34 1.11 -11.19 12.71
N LYS D 35 1.54 -12.33 12.20
CA LYS D 35 2.97 -12.57 12.07
C LYS D 35 3.62 -11.76 10.96
N TYR D 36 2.89 -11.60 9.86
CA TYR D 36 3.28 -10.73 8.79
C TYR D 36 3.45 -9.32 9.34
N ASN D 37 2.45 -8.82 10.06
CA ASN D 37 2.58 -7.50 10.57
C ASN D 37 3.75 -7.37 11.53
N ALA D 38 3.94 -8.37 12.39
CA ALA D 38 4.94 -8.21 13.44
C ALA D 38 6.36 -8.28 12.86
N TYR D 39 6.55 -9.06 11.81
CA TYR D 39 7.81 -9.06 11.07
C TYR D 39 8.06 -7.73 10.37
N ARG D 40 7.04 -7.17 9.74
CA ARG D 40 7.23 -5.86 9.06
C ARG D 40 7.50 -4.74 10.05
N LYS D 41 6.85 -4.81 11.22
CA LYS D 41 7.06 -3.80 12.26
C LYS D 41 8.50 -3.85 12.71
N ALA D 42 9.01 -5.06 12.96
CA ALA D 42 10.41 -5.27 13.31
C ALA D 42 11.38 -4.85 12.20
N ALA D 43 11.07 -5.17 10.95
CA ALA D 43 11.96 -4.75 9.86
C ALA D 43 12.09 -3.25 9.88
N SER D 44 10.95 -2.62 9.97
CA SER D 44 10.85 -1.20 9.83
C SER D 44 11.58 -0.46 10.99
N VAL D 45 11.41 -0.97 12.19
CA VAL D 45 12.06 -0.42 13.34
C VAL D 45 13.58 -0.60 13.19
N ILE D 46 14.01 -1.74 12.67
CA ILE D 46 15.43 -1.95 12.42
C ILE D 46 15.99 -1.06 11.30
N ALA D 47 15.17 -0.73 10.32
CA ALA D 47 15.64 0.06 9.21
C ALA D 47 15.96 1.48 9.64
N LYS D 48 15.24 2.00 10.63
CA LYS D 48 15.45 3.37 11.10
C LYS D 48 16.53 3.47 12.21
N TYR D 49 16.99 2.33 12.68
CA TYR D 49 18.00 2.29 13.73
C TYR D 49 19.37 2.61 13.12
N PRO D 50 20.06 3.66 13.61
CA PRO D 50 21.22 4.20 12.89
C PRO D 50 22.56 3.67 13.39
N HIS D 51 22.60 2.46 13.95
CA HIS D 51 23.86 1.74 14.09
C HIS D 51 23.87 0.46 13.30
N LYS D 52 25.07 -0.03 12.95
CA LYS D 52 25.21 -1.37 12.36
C LYS D 52 24.99 -2.32 13.51
N ILE D 53 23.90 -3.08 13.46
CA ILE D 53 23.57 -3.98 14.53
C ILE D 53 24.61 -5.07 14.63
N LYS D 54 25.06 -5.34 15.85
CA LYS D 54 26.12 -6.32 16.10
C LYS D 54 25.65 -7.59 16.79
N SER D 55 24.48 -7.58 17.42
CA SER D 55 24.02 -8.78 18.05
C SER D 55 22.50 -8.78 18.11
N GLY D 56 21.95 -9.96 18.31
CA GLY D 56 20.54 -10.10 18.53
C GLY D 56 20.13 -9.32 19.76
N ALA D 57 20.90 -9.50 20.84
CA ALA D 57 20.57 -8.87 22.13
C ALA D 57 20.46 -7.36 21.93
N GLU D 58 21.33 -6.78 21.12
CA GLU D 58 21.26 -5.31 20.85
C GLU D 58 19.97 -4.92 20.13
N ALA D 59 19.52 -5.76 19.21
CA ALA D 59 18.31 -5.50 18.45
C ALA D 59 17.03 -5.74 19.28
N LYS D 60 17.09 -6.64 20.25
CA LYS D 60 15.97 -6.92 21.18
C LYS D 60 15.53 -5.68 22.01
N LYS D 61 16.43 -4.70 22.08
CA LYS D 61 16.11 -3.45 22.73
C LYS D 61 15.09 -2.64 21.97
N LEU D 62 14.98 -2.84 20.65
CA LEU D 62 14.08 -2.01 19.86
C LEU D 62 12.65 -2.50 20.02
N PRO D 63 11.68 -1.57 20.02
CA PRO D 63 10.27 -1.98 20.10
C PRO D 63 9.81 -2.75 18.86
N GLY D 64 9.27 -3.95 19.08
CA GLY D 64 8.82 -4.82 17.99
C GLY D 64 9.75 -6.00 17.76
N VAL D 65 10.96 -5.94 18.32
CA VAL D 65 11.90 -7.04 18.22
C VAL D 65 11.92 -7.82 19.53
N GLY D 66 11.62 -9.12 19.49
CA GLY D 66 11.56 -9.96 20.69
C GLY D 66 12.53 -11.11 20.67
N THR D 67 12.19 -12.20 21.40
CA THR D 67 13.13 -13.30 21.59
C THR D 67 13.52 -13.95 20.27
N LYS D 68 12.55 -14.13 19.38
CA LYS D 68 12.74 -15.02 18.26
C LYS D 68 13.42 -14.30 17.10
N ILE D 69 13.14 -13.01 16.93
CA ILE D 69 13.83 -12.28 15.92
C ILE D 69 15.30 -12.12 16.35
N ALA D 70 15.50 -11.84 17.63
CA ALA D 70 16.84 -11.81 18.21
C ALA D 70 17.67 -13.03 17.87
N GLU D 71 17.15 -14.20 18.17
CA GLU D 71 17.82 -15.44 17.83
C GLU D 71 18.18 -15.57 16.32
N LYS D 72 17.29 -15.09 15.46
CA LYS D 72 17.48 -15.14 14.00
C LYS D 72 18.51 -14.13 13.53
N ILE D 73 18.54 -13.00 14.22
CA ILE D 73 19.60 -12.07 13.94
C ILE D 73 20.97 -12.70 14.34
N ASP D 74 21.04 -13.37 15.48
CA ASP D 74 22.31 -14.01 15.90
C ASP D 74 22.84 -14.93 14.84
N GLU D 75 21.95 -15.74 14.28
CA GLU D 75 22.27 -16.71 13.26
C GLU D 75 22.66 -16.03 11.97
N PHE D 76 21.81 -15.10 11.52
CA PHE D 76 22.10 -14.38 10.29
C PHE D 76 23.48 -13.72 10.33
N LEU D 77 23.78 -13.01 11.43
CA LEU D 77 25.08 -12.32 11.58
C LEU D 77 26.28 -13.24 11.64
N ALA D 78 26.13 -14.39 12.30
CA ALA D 78 27.24 -15.32 12.46
C ALA D 78 27.55 -16.03 11.15
N THR D 79 26.49 -16.36 10.41
CA THR D 79 26.60 -17.29 9.27
C THR D 79 26.18 -16.73 7.92
N GLY D 80 25.63 -15.52 7.90
CA GLY D 80 25.21 -14.87 6.66
C GLY D 80 23.91 -15.39 6.05
N LYS D 81 23.20 -16.29 6.73
CA LYS D 81 21.90 -16.70 6.26
C LYS D 81 21.03 -17.27 7.36
N LEU D 82 19.79 -17.63 7.02
CA LEU D 82 18.90 -18.25 7.99
C LEU D 82 18.39 -19.61 7.51
N ARG D 83 18.61 -20.67 8.30
CA ARG D 83 18.18 -22.02 7.92
C ARG D 83 16.69 -22.03 7.59
N LYS D 84 15.89 -21.55 8.53
CA LYS D 84 14.47 -21.56 8.33
C LYS D 84 14.07 -21.01 6.93
N LEU D 85 14.76 -19.96 6.47
CA LEU D 85 14.51 -19.42 5.13
C LEU D 85 15.16 -20.27 4.06
N GLU D 86 16.30 -20.85 4.37
CA GLU D 86 16.91 -21.78 3.42
C GLU D 86 15.95 -22.91 3.05
N LYS D 87 15.28 -23.47 4.06
CA LYS D 87 14.29 -24.53 3.85
C LYS D 87 13.12 -23.97 3.04
N ILE D 88 12.61 -22.81 3.41
CA ILE D 88 11.40 -22.31 2.75
C ILE D 88 11.62 -22.16 1.25
N ARG D 89 12.74 -21.55 0.87
CA ARG D 89 13.12 -21.37 -0.54
C ARG D 89 13.21 -22.63 -1.42
N GLN D 90 13.45 -23.78 -0.81
CA GLN D 90 13.55 -25.06 -1.55
C GLN D 90 12.18 -25.73 -1.73
N ASP D 91 11.29 -25.46 -0.77
CA ASP D 91 9.98 -26.01 -0.79
C ASP D 91 9.20 -25.50 -2.04
N ASP D 92 8.91 -26.43 -2.96
CA ASP D 92 8.26 -26.14 -4.24
C ASP D 92 6.96 -25.40 -4.07
N THR D 93 6.18 -25.90 -3.12
CA THR D 93 4.84 -25.44 -2.86
C THR D 93 4.94 -24.03 -2.34
N SER D 94 5.72 -23.83 -1.27
CA SER D 94 5.91 -22.51 -0.70
C SER D 94 6.25 -21.46 -1.76
N SER D 95 7.18 -21.75 -2.67
CA SER D 95 7.64 -20.66 -3.57
C SER D 95 6.67 -20.46 -4.70
N SER D 96 5.89 -21.51 -5.00
CA SER D 96 4.85 -21.42 -6.02
C SER D 96 3.70 -20.54 -5.54
N ILE D 97 3.30 -20.72 -4.28
CA ILE D 97 2.30 -19.87 -3.68
C ILE D 97 2.84 -18.42 -3.61
N ASN D 98 4.06 -18.21 -3.12
CA ASN D 98 4.64 -16.87 -3.08
C ASN D 98 4.63 -16.21 -4.46
N PHE D 99 5.05 -16.94 -5.48
CA PHE D 99 5.04 -16.40 -6.82
C PHE D 99 3.63 -15.97 -7.34
N LEU D 100 2.64 -16.85 -7.23
CA LEU D 100 1.31 -16.53 -7.77
C LEU D 100 0.70 -15.28 -7.09
N THR D 101 0.96 -15.12 -5.80
CA THR D 101 0.55 -13.89 -5.07
C THR D 101 1.10 -12.58 -5.69
N ARG D 102 2.13 -12.65 -6.51
CA ARG D 102 2.65 -11.44 -7.10
C ARG D 102 1.74 -10.95 -8.21
N VAL D 103 0.80 -11.76 -8.64
CA VAL D 103 -0.19 -11.35 -9.63
C VAL D 103 -1.29 -10.56 -8.92
N SER D 104 -1.52 -9.34 -9.35
CA SER D 104 -2.55 -8.52 -8.73
C SER D 104 -3.92 -9.19 -8.78
N GLY D 105 -4.52 -9.32 -7.61
CA GLY D 105 -5.82 -9.98 -7.49
C GLY D 105 -5.77 -11.44 -7.01
N ILE D 106 -4.60 -12.07 -7.05
CA ILE D 106 -4.36 -13.35 -6.38
C ILE D 106 -3.78 -13.12 -5.02
N GLY D 107 -4.50 -13.44 -3.97
CA GLY D 107 -3.89 -13.44 -2.63
C GLY D 107 -3.55 -14.86 -2.19
N PRO D 108 -3.16 -15.03 -0.93
CA PRO D 108 -2.79 -16.33 -0.32
C PRO D 108 -3.80 -17.50 -0.55
N SER D 109 -5.08 -17.22 -0.44
CA SER D 109 -6.10 -18.26 -0.56
C SER D 109 -6.18 -18.78 -1.99
N ALA D 110 -6.41 -17.85 -2.91
CA ALA D 110 -6.48 -18.22 -4.31
C ALA D 110 -5.17 -18.82 -4.84
N ALA D 111 -4.02 -18.39 -4.32
CA ALA D 111 -2.74 -18.93 -4.79
C ALA D 111 -2.58 -20.40 -4.36
N ARG D 112 -3.03 -20.72 -3.15
CA ARG D 112 -3.03 -22.09 -2.68
C ARG D 112 -3.97 -22.97 -3.54
N LYS D 113 -5.15 -22.45 -3.88
N LYS D 113 -5.18 -22.47 -3.82
CA LYS D 113 -6.15 -23.24 -4.60
CA LYS D 113 -6.13 -23.20 -4.67
C LYS D 113 -5.73 -23.51 -6.06
C LYS D 113 -5.43 -23.60 -5.95
N PHE D 114 -4.97 -22.59 -6.67
CA PHE D 114 -4.36 -22.83 -7.97
C PHE D 114 -3.22 -23.85 -7.89
N VAL D 115 -2.35 -23.73 -6.90
CA VAL D 115 -1.20 -24.64 -6.81
C VAL D 115 -1.68 -26.07 -6.58
N ASP D 116 -2.73 -26.23 -5.78
CA ASP D 116 -3.34 -27.55 -5.59
C ASP D 116 -3.87 -28.16 -6.89
N GLU D 117 -4.46 -27.34 -7.76
CA GLU D 117 -5.00 -27.74 -9.05
C GLU D 117 -3.89 -27.84 -10.11
N GLY D 118 -2.64 -27.74 -9.71
CA GLY D 118 -1.54 -27.90 -10.63
C GLY D 118 -1.08 -26.64 -11.35
N ILE D 119 -1.71 -25.49 -11.06
CA ILE D 119 -1.34 -24.23 -11.68
C ILE D 119 -0.31 -23.52 -10.82
N LYS D 120 0.95 -23.59 -11.26
CA LYS D 120 2.15 -23.24 -10.48
C LYS D 120 3.07 -22.16 -11.11
N THR D 121 2.83 -21.83 -12.39
CA THR D 121 3.68 -20.92 -13.16
C THR D 121 2.86 -19.92 -13.95
N LEU D 122 3.56 -18.96 -14.54
CA LEU D 122 2.97 -17.95 -15.39
C LEU D 122 2.39 -18.52 -16.70
N GLU D 123 3.14 -19.45 -17.32
CA GLU D 123 2.66 -20.16 -18.49
C GLU D 123 1.33 -20.86 -18.10
N ASP D 124 1.27 -21.45 -16.89
CA ASP D 124 0.01 -22.05 -16.39
C ASP D 124 -1.11 -21.03 -16.28
N LEU D 125 -0.86 -19.92 -15.60
CA LEU D 125 -1.86 -18.89 -15.57
C LEU D 125 -2.31 -18.55 -17.00
N ARG D 126 -1.35 -18.39 -17.90
CA ARG D 126 -1.68 -17.90 -19.25
C ARG D 126 -2.40 -18.86 -20.15
N LYS D 127 -2.51 -20.12 -19.75
CA LYS D 127 -3.36 -21.07 -20.46
C LYS D 127 -4.61 -21.50 -19.67
N ASN D 128 -4.79 -20.97 -18.46
CA ASN D 128 -6.06 -21.10 -17.71
C ASN D 128 -6.75 -19.76 -17.44
N GLU D 129 -6.71 -18.87 -18.42
CA GLU D 129 -7.49 -17.63 -18.42
C GLU D 129 -8.88 -17.84 -17.79
N ASP D 130 -9.57 -18.88 -18.25
CA ASP D 130 -10.95 -19.21 -17.82
C ASP D 130 -11.11 -19.35 -16.33
N LYS D 131 -10.07 -19.80 -15.66
CA LYS D 131 -10.11 -19.95 -14.20
C LYS D 131 -9.99 -18.66 -13.40
N LEU D 132 -9.76 -17.53 -14.05
CA LEU D 132 -9.47 -16.26 -13.34
C LEU D 132 -10.59 -15.25 -13.40
N ASN D 133 -10.84 -14.57 -12.30
CA ASN D 133 -11.76 -13.45 -12.31
C ASN D 133 -11.14 -12.23 -12.96
N HIS D 134 -11.97 -11.20 -13.16
CA HIS D 134 -11.61 -10.07 -14.00
C HIS D 134 -10.31 -9.36 -13.59
N HIS D 135 -10.21 -9.08 -12.30
CA HIS D 135 -9.02 -8.42 -11.73
C HIS D 135 -7.73 -9.24 -12.02
N GLN D 136 -7.76 -10.54 -11.67
CA GLN D 136 -6.66 -11.49 -11.90
C GLN D 136 -6.18 -11.49 -13.33
N ARG D 137 -7.15 -11.49 -14.22
CA ARG D 137 -6.91 -11.54 -15.64
C ARG D 137 -6.12 -10.33 -16.10
N ILE D 138 -6.50 -9.14 -15.62
CA ILE D 138 -5.79 -7.89 -15.90
C ILE D 138 -4.43 -7.86 -15.18
N GLY D 139 -4.40 -8.34 -13.94
CA GLY D 139 -3.14 -8.45 -13.25
C GLY D 139 -2.17 -9.33 -14.02
N LEU D 140 -2.67 -10.39 -14.66
CA LEU D 140 -1.81 -11.27 -15.50
C LEU D 140 -1.41 -10.56 -16.80
N LYS D 141 -2.37 -9.91 -17.45
CA LYS D 141 -2.08 -9.18 -18.66
C LYS D 141 -0.91 -8.20 -18.40
N TYR D 142 -0.93 -7.50 -17.29
CA TYR D 142 0.08 -6.49 -17.00
C TYR D 142 1.10 -6.95 -15.94
N PHE D 143 1.41 -8.25 -15.91
CA PHE D 143 2.24 -8.76 -14.87
C PHE D 143 3.64 -8.09 -14.77
N GLY D 144 4.38 -8.12 -15.87
CA GLY D 144 5.67 -7.43 -15.97
C GLY D 144 5.59 -5.94 -15.70
N ASP D 145 4.65 -5.26 -16.35
CA ASP D 145 4.46 -3.82 -16.11
C ASP D 145 4.24 -3.37 -14.67
N PHE D 146 3.44 -4.10 -13.90
CA PHE D 146 3.10 -3.69 -12.54
C PHE D 146 4.24 -3.96 -11.54
N GLU D 147 5.25 -4.69 -11.94
CA GLU D 147 6.37 -4.90 -11.06
C GLU D 147 7.42 -3.86 -11.32
N LYS D 148 7.23 -3.06 -12.38
CA LYS D 148 8.08 -1.91 -12.59
C LYS D 148 7.66 -0.69 -11.74
N ARG D 149 8.67 -0.01 -11.25
CA ARG D 149 8.54 1.20 -10.49
C ARG D 149 8.34 2.40 -11.41
N ILE D 150 7.84 3.48 -10.87
CA ILE D 150 7.55 4.67 -11.63
C ILE D 150 8.42 5.82 -11.19
N PRO D 151 9.34 6.30 -12.04
CA PRO D 151 10.17 7.45 -11.66
C PRO D 151 9.31 8.69 -11.41
N ARG D 152 9.75 9.54 -10.49
CA ARG D 152 8.97 10.71 -10.06
C ARG D 152 8.58 11.62 -11.24
N GLU D 153 9.51 11.78 -12.17
CA GLU D 153 9.32 12.58 -13.34
C GLU D 153 8.12 12.05 -14.12
N GLU D 154 7.95 10.73 -14.23
CA GLU D 154 6.71 10.21 -14.81
C GLU D 154 5.51 10.44 -13.90
N MET D 155 5.71 10.40 -12.59
CA MET D 155 4.61 10.66 -11.65
C MET D 155 4.15 12.11 -11.82
N LEU D 156 5.12 13.00 -12.13
CA LEU D 156 4.82 14.40 -12.33
C LEU D 156 3.98 14.59 -13.58
N GLN D 157 4.30 13.91 -14.68
CA GLN D 157 3.44 13.95 -15.88
C GLN D 157 2.05 13.35 -15.64
N MET D 158 1.97 12.23 -14.91
CA MET D 158 0.68 11.62 -14.65
C MET D 158 -0.16 12.52 -13.77
N GLN D 159 0.47 13.16 -12.78
CA GLN D 159 -0.23 14.16 -11.98
C GLN D 159 -0.88 15.25 -12.84
N ASP D 160 -0.07 15.84 -13.73
CA ASP D 160 -0.50 16.92 -14.59
C ASP D 160 -1.72 16.53 -15.42
N ILE D 161 -1.66 15.37 -16.06
CA ILE D 161 -2.82 14.85 -16.78
C ILE D 161 -4.03 14.71 -15.86
N VAL D 162 -3.86 14.13 -14.68
CA VAL D 162 -5.02 13.86 -13.83
C VAL D 162 -5.66 15.12 -13.37
N LEU D 163 -4.83 16.08 -12.95
CA LEU D 163 -5.37 17.34 -12.41
C LEU D 163 -5.99 18.22 -13.50
N ASN D 164 -5.42 18.19 -14.71
CA ASN D 164 -5.95 18.99 -15.80
C ASN D 164 -7.25 18.44 -16.30
N GLU D 165 -7.42 17.12 -16.31
CA GLU D 165 -8.69 16.53 -16.78
C GLU D 165 -9.80 16.63 -15.75
N VAL D 166 -9.41 16.56 -14.47
CA VAL D 166 -10.35 16.70 -13.39
C VAL D 166 -10.91 18.09 -13.50
N LYS D 167 -10.04 19.08 -13.62
CA LYS D 167 -10.45 20.45 -13.88
C LYS D 167 -11.36 20.62 -15.10
N LYS D 168 -11.22 19.82 -16.14
CA LYS D 168 -12.11 19.97 -17.33
C LYS D 168 -13.51 19.56 -16.97
N VAL D 169 -13.64 18.57 -16.08
CA VAL D 169 -14.97 18.09 -15.66
C VAL D 169 -15.64 19.13 -14.76
N ASP D 170 -14.90 19.65 -13.78
CA ASP D 170 -15.48 20.57 -12.80
C ASP D 170 -14.38 21.25 -12.04
N SER D 171 -14.27 22.57 -12.20
CA SER D 171 -13.23 23.34 -11.51
C SER D 171 -13.29 23.24 -9.99
N GLU D 172 -14.38 22.71 -9.43
CA GLU D 172 -14.57 22.63 -7.97
C GLU D 172 -13.93 21.38 -7.32
N TYR D 173 -13.70 20.35 -8.12
CA TYR D 173 -12.88 19.19 -7.67
C TYR D 173 -11.50 19.62 -7.15
N ILE D 174 -11.03 18.89 -6.13
CA ILE D 174 -9.62 18.96 -5.77
C ILE D 174 -9.03 17.56 -5.80
N ALA D 175 -8.01 17.37 -6.63
CA ALA D 175 -7.33 16.09 -6.76
C ALA D 175 -5.93 16.28 -6.20
N THR D 176 -5.53 15.39 -5.28
CA THR D 176 -4.26 15.46 -4.62
C THR D 176 -3.58 14.09 -4.75
N VAL D 177 -2.39 14.07 -5.33
CA VAL D 177 -1.63 12.86 -5.45
C VAL D 177 -0.97 12.55 -4.10
N CYS D 178 -1.27 11.38 -3.56
CA CYS D 178 -0.77 10.94 -2.26
C CYS D 178 0.26 9.77 -2.35
N GLY D 179 0.11 8.77 -1.46
CA GLY D 179 1.12 7.76 -1.20
C GLY D 179 2.58 8.24 -1.15
N SER D 180 3.47 7.40 -1.65
CA SER D 180 4.87 7.68 -1.67
C SER D 180 5.20 8.99 -2.41
N PHE D 181 4.39 9.36 -3.41
CA PHE D 181 4.66 10.59 -4.14
C PHE D 181 4.66 11.77 -3.19
N ARG D 182 3.61 11.90 -2.40
CA ARG D 182 3.50 13.00 -1.45
C ARG D 182 4.57 12.95 -0.35
N ARG D 183 5.07 11.76 -0.01
CA ARG D 183 6.21 11.64 0.92
C ARG D 183 7.56 12.07 0.27
N GLY D 184 7.54 12.30 -1.04
CA GLY D 184 8.70 12.82 -1.77
C GLY D 184 9.58 11.73 -2.34
N ALA D 185 9.07 10.52 -2.53
CA ALA D 185 9.94 9.44 -2.99
C ALA D 185 10.35 9.67 -4.45
N GLU D 186 11.58 9.29 -4.77
CA GLU D 186 12.12 9.47 -6.12
C GLU D 186 11.51 8.43 -7.09
N SER D 187 10.94 7.34 -6.57
CA SER D 187 10.13 6.48 -7.39
C SER D 187 8.95 5.91 -6.58
N SER D 188 7.88 5.59 -7.29
CA SER D 188 6.65 5.10 -6.70
C SER D 188 6.26 3.81 -7.34
N GLY D 189 5.63 2.95 -6.55
CA GLY D 189 5.04 1.72 -7.05
C GLY D 189 3.80 1.97 -7.90
N ASP D 190 3.02 2.99 -7.55
CA ASP D 190 1.73 3.20 -8.20
C ASP D 190 1.21 4.56 -7.85
N MET D 191 0.14 5.00 -8.55
CA MET D 191 -0.45 6.32 -8.28
C MET D 191 -1.71 6.26 -7.46
N ASP D 192 -1.78 7.17 -6.46
CA ASP D 192 -2.88 7.32 -5.54
C ASP D 192 -3.43 8.78 -5.57
N VAL D 193 -4.70 8.94 -5.97
CA VAL D 193 -5.33 10.24 -6.05
C VAL D 193 -6.54 10.31 -5.12
N LEU D 194 -6.51 11.31 -4.25
CA LEU D 194 -7.60 11.63 -3.36
C LEU D 194 -8.40 12.74 -4.01
N LEU D 195 -9.71 12.55 -4.06
CA LEU D 195 -10.59 13.45 -4.76
C LEU D 195 -11.60 13.98 -3.75
N THR D 196 -11.77 15.32 -3.73
CA THR D 196 -12.91 15.91 -3.08
C THR D 196 -13.70 16.76 -4.04
N HIS D 197 -14.98 16.96 -3.71
CA HIS D 197 -15.90 17.90 -4.38
C HIS D 197 -16.91 18.51 -3.34
N PRO D 198 -17.20 19.84 -3.43
CA PRO D 198 -18.04 20.51 -2.42
C PRO D 198 -19.37 19.82 -2.15
N SER D 199 -19.94 19.20 -3.18
CA SER D 199 -21.18 18.45 -3.07
C SER D 199 -21.18 17.19 -2.25
N PHE D 200 -20.01 16.62 -1.95
CA PHE D 200 -19.93 15.38 -1.16
C PHE D 200 -19.22 15.67 0.12
N THR D 201 -20.02 15.77 1.18
CA THR D 201 -19.55 16.03 2.52
C THR D 201 -20.10 14.91 3.38
N SER D 202 -19.64 14.82 4.62
CA SER D 202 -20.11 13.78 5.53
C SER D 202 -21.61 13.86 5.87
N GLU D 203 -22.30 14.93 5.47
CA GLU D 203 -23.71 15.11 5.83
C GLU D 203 -24.66 15.11 4.63
N SER D 204 -24.14 14.93 3.43
CA SER D 204 -24.99 14.98 2.27
C SER D 204 -24.17 14.61 1.05
N THR D 205 -24.86 13.98 0.10
CA THR D 205 -24.33 13.79 -1.24
C THR D 205 -25.27 14.52 -2.16
N LYS D 206 -24.95 15.78 -2.43
CA LYS D 206 -25.80 16.70 -3.21
C LYS D 206 -25.75 16.42 -4.73
N GLN D 207 -24.84 15.53 -5.16
CA GLN D 207 -24.71 15.12 -6.56
C GLN D 207 -24.25 13.66 -6.61
N PRO D 208 -24.80 12.84 -7.54
CA PRO D 208 -24.32 11.46 -7.75
C PRO D 208 -23.24 11.43 -8.83
N LYS D 209 -22.65 10.26 -9.07
CA LYS D 209 -21.78 10.07 -10.24
C LYS D 209 -20.48 10.90 -10.13
N LEU D 210 -20.16 11.39 -8.95
CA LEU D 210 -19.04 12.32 -8.80
C LEU D 210 -17.71 11.67 -9.11
N LEU D 211 -17.55 10.42 -8.69
CA LEU D 211 -16.37 9.66 -9.06
C LEU D 211 -16.45 9.15 -10.52
N HIS D 212 -17.58 8.53 -10.87
CA HIS D 212 -17.77 8.00 -12.22
C HIS D 212 -17.40 9.01 -13.31
N GLN D 213 -17.83 10.24 -13.14
CA GLN D 213 -17.61 11.26 -14.17
C GLN D 213 -16.12 11.48 -14.37
N VAL D 214 -15.34 11.50 -13.27
CA VAL D 214 -13.89 11.63 -13.38
C VAL D 214 -13.25 10.41 -14.07
N VAL D 215 -13.65 9.22 -13.66
CA VAL D 215 -13.21 8.00 -14.30
C VAL D 215 -13.49 8.04 -15.82
N GLU D 216 -14.73 8.29 -16.15
CA GLU D 216 -15.14 8.42 -17.57
C GLU D 216 -14.29 9.43 -18.39
N GLN D 217 -14.02 10.62 -17.84
CA GLN D 217 -13.17 11.59 -18.54
C GLN D 217 -11.76 11.08 -18.76
N LEU D 218 -11.20 10.42 -17.75
CA LEU D 218 -9.86 9.89 -17.84
C LEU D 218 -9.87 8.69 -18.82
N GLN D 219 -10.97 7.96 -18.93
CA GLN D 219 -11.08 6.92 -20.03
C GLN D 219 -11.10 7.53 -21.43
N LYS D 220 -11.76 8.67 -21.56
CA LYS D 220 -11.93 9.33 -22.86
C LYS D 220 -10.62 9.81 -23.48
N VAL D 221 -9.73 10.35 -22.66
CA VAL D 221 -8.45 10.81 -23.17
C VAL D 221 -7.42 9.70 -23.17
N HIS D 222 -7.91 8.50 -22.93
CA HIS D 222 -7.12 7.27 -23.01
C HIS D 222 -6.12 7.13 -21.88
N PHE D 223 -6.34 7.82 -20.76
CA PHE D 223 -5.38 7.74 -19.68
C PHE D 223 -5.63 6.49 -18.86
N ILE D 224 -6.88 6.26 -18.47
CA ILE D 224 -7.26 5.02 -17.80
C ILE D 224 -7.60 4.04 -18.90
N THR D 225 -7.08 2.82 -18.80
CA THR D 225 -7.14 1.76 -19.83
C THR D 225 -7.89 0.54 -19.33
N ASP D 226 -7.86 0.25 -18.03
CA ASP D 226 -8.70 -0.80 -17.46
C ASP D 226 -9.17 -0.48 -16.04
N THR D 227 -10.23 -1.17 -15.64
CA THR D 227 -10.86 -1.01 -14.36
C THR D 227 -10.79 -2.35 -13.65
N LEU D 228 -10.21 -2.36 -12.46
CA LEU D 228 -10.13 -3.54 -11.62
C LEU D 228 -11.38 -3.60 -10.74
N SER D 229 -11.65 -2.52 -10.00
CA SER D 229 -12.90 -2.41 -9.30
C SER D 229 -13.32 -0.95 -9.24
N LYS D 230 -14.61 -0.73 -9.08
CA LYS D 230 -15.16 0.61 -9.11
C LYS D 230 -16.39 0.60 -8.25
N GLY D 231 -16.49 1.54 -7.34
CA GLY D 231 -17.72 1.68 -6.55
C GLY D 231 -18.02 3.17 -6.52
N GLU D 232 -18.65 3.63 -5.44
CA GLU D 232 -19.08 5.03 -5.34
C GLU D 232 -17.99 5.98 -4.85
N THR D 233 -17.10 5.48 -4.02
CA THR D 233 -16.02 6.29 -3.48
C THR D 233 -14.61 5.80 -3.86
N LYS D 234 -14.51 4.61 -4.47
CA LYS D 234 -13.19 4.02 -4.72
C LYS D 234 -13.06 3.35 -6.06
N PHE D 235 -12.05 3.76 -6.80
CA PHE D 235 -11.73 3.19 -8.10
C PHE D 235 -10.33 2.59 -7.99
N MET D 236 -10.17 1.44 -8.64
CA MET D 236 -8.89 0.77 -8.68
C MET D 236 -8.73 0.32 -10.11
N GLY D 237 -7.66 0.75 -10.77
CA GLY D 237 -7.41 0.29 -12.14
C GLY D 237 -6.01 0.55 -12.69
N VAL D 238 -5.96 0.79 -13.99
CA VAL D 238 -4.73 0.84 -14.79
C VAL D 238 -4.74 2.08 -15.66
N CYS D 239 -3.59 2.72 -15.76
CA CYS D 239 -3.41 3.91 -16.62
C CYS D 239 -2.09 3.80 -17.33
N GLN D 240 -1.88 4.70 -18.28
CA GLN D 240 -0.67 4.72 -19.09
C GLN D 240 -0.44 6.09 -19.65
N LEU D 241 0.79 6.58 -19.61
CA LEU D 241 1.10 7.86 -20.22
C LEU D 241 1.02 7.74 -21.76
N PRO D 242 0.66 8.86 -22.43
CA PRO D 242 0.72 8.84 -23.86
C PRO D 242 2.17 8.79 -24.22
N SER D 243 2.48 8.13 -25.31
CA SER D 243 3.86 8.11 -25.82
C SER D 243 3.89 8.83 -27.17
N LYS D 244 5.08 8.99 -27.72
CA LYS D 244 5.22 9.73 -28.97
C LYS D 244 5.73 8.82 -30.08
N ASN D 245 5.67 9.34 -31.31
CA ASN D 245 6.07 8.61 -32.52
C ASN D 245 7.42 7.89 -32.36
N ASP D 246 7.46 6.61 -32.74
CA ASP D 246 8.66 5.74 -32.73
C ASP D 246 9.18 5.25 -31.37
N GLU D 247 8.68 5.83 -30.28
CA GLU D 247 9.10 5.39 -28.94
C GLU D 247 8.37 4.08 -28.53
N LYS D 248 9.03 3.28 -27.71
CA LYS D 248 8.36 2.21 -26.97
C LYS D 248 7.22 2.83 -26.14
N GLU D 249 6.11 2.10 -25.98
CA GLU D 249 5.04 2.57 -25.11
C GLU D 249 5.53 2.63 -23.65
N TYR D 250 4.84 3.44 -22.85
CA TYR D 250 5.13 3.46 -21.42
C TYR D 250 4.49 2.21 -20.80
N PRO D 251 5.10 1.65 -19.75
CA PRO D 251 4.45 0.50 -19.17
C PRO D 251 3.12 0.95 -18.58
N HIS D 252 2.17 0.02 -18.50
CA HIS D 252 0.92 0.31 -17.79
C HIS D 252 1.14 0.33 -16.29
N ARG D 253 0.41 1.23 -15.64
CA ARG D 253 0.58 1.54 -14.22
C ARG D 253 -0.72 1.37 -13.43
N ARG D 254 -0.60 0.99 -12.17
CA ARG D 254 -1.73 0.82 -11.29
C ARG D 254 -2.11 2.21 -10.81
N ILE D 255 -3.40 2.49 -10.80
CA ILE D 255 -3.90 3.73 -10.24
C ILE D 255 -5.09 3.46 -9.33
N ASP D 256 -5.10 4.16 -8.18
CA ASP D 256 -6.20 4.16 -7.21
C ASP D 256 -6.76 5.58 -7.08
N ILE D 257 -8.08 5.71 -7.10
CA ILE D 257 -8.75 7.00 -6.82
C ILE D 257 -9.80 6.82 -5.74
N ARG D 258 -9.70 7.64 -4.69
CA ARG D 258 -10.61 7.60 -3.56
C ARG D 258 -11.26 8.98 -3.41
N LEU D 259 -12.56 9.02 -3.56
CA LEU D 259 -13.35 10.19 -3.30
C LEU D 259 -13.67 10.17 -1.80
N ILE D 260 -13.36 11.25 -1.11
CA ILE D 260 -13.47 11.37 0.31
C ILE D 260 -14.29 12.60 0.60
N PRO D 261 -15.24 12.52 1.55
CA PRO D 261 -16.03 13.72 1.80
C PRO D 261 -15.16 14.94 2.09
N LYS D 262 -15.53 16.08 1.54
CA LYS D 262 -14.67 17.25 1.55
C LYS D 262 -14.36 17.71 2.93
N ASP D 263 -15.33 17.65 3.84
CA ASP D 263 -15.08 18.10 5.21
C ASP D 263 -14.11 17.20 5.99
N GLN D 264 -13.85 16.00 5.48
CA GLN D 264 -12.97 15.06 6.14
C GLN D 264 -11.62 14.92 5.43
N TYR D 265 -11.24 15.99 4.74
CA TYR D 265 -10.07 15.95 3.86
C TYR D 265 -8.80 15.55 4.63
N TYR D 266 -8.62 16.03 5.85
CA TYR D 266 -7.35 15.84 6.55
C TYR D 266 -7.12 14.41 7.04
N CYS D 267 -8.21 13.74 7.48
CA CYS D 267 -8.13 12.34 7.86
C CYS D 267 -7.89 11.51 6.60
N GLY D 268 -8.59 11.87 5.53
CA GLY D 268 -8.43 11.20 4.27
C GLY D 268 -6.99 11.27 3.78
N VAL D 269 -6.41 12.46 3.80
CA VAL D 269 -5.06 12.62 3.24
C VAL D 269 -4.02 12.08 4.20
N LEU D 270 -4.32 12.08 5.50
CA LEU D 270 -3.42 11.36 6.43
C LEU D 270 -3.36 9.89 6.04
N TYR D 271 -4.53 9.29 5.91
CA TYR D 271 -4.65 7.88 5.52
C TYR D 271 -3.90 7.57 4.23
N PHE D 272 -4.17 8.35 3.19
CA PHE D 272 -3.70 8.05 1.89
C PHE D 272 -2.23 8.45 1.70
N THR D 273 -1.66 9.22 2.60
CA THR D 273 -0.27 9.61 2.44
C THR D 273 0.61 8.48 2.98
N GLY D 274 0.11 7.75 3.98
CA GLY D 274 0.82 6.59 4.56
C GLY D 274 2.20 6.94 5.13
N SER D 275 3.19 6.05 5.12
CA SER D 275 3.13 4.68 4.59
C SER D 275 2.10 3.77 5.27
N ASP D 276 1.96 2.57 4.74
CA ASP D 276 1.05 1.63 5.34
C ASP D 276 1.48 1.30 6.76
N ILE D 277 2.77 1.04 6.96
CA ILE D 277 3.28 0.73 8.27
C ILE D 277 3.10 1.90 9.21
N PHE D 278 3.45 3.08 8.76
CA PHE D 278 3.23 4.28 9.56
C PHE D 278 1.77 4.44 10.04
N ASN D 279 0.81 4.24 9.12
CA ASN D 279 -0.60 4.22 9.46
C ASN D 279 -0.94 3.12 10.54
N LYS D 280 -0.37 1.93 10.42
CA LYS D 280 -0.62 0.90 11.40
C LYS D 280 -0.08 1.38 12.73
N ASN D 281 1.17 1.80 12.75
CA ASN D 281 1.74 2.35 13.98
C ASN D 281 0.91 3.48 14.54
N MET D 282 0.51 4.40 13.68
CA MET D 282 -0.11 5.61 14.21
C MET D 282 -1.49 5.27 14.75
N ARG D 283 -2.21 4.38 14.07
CA ARG D 283 -3.52 3.95 14.56
C ARG D 283 -3.44 3.09 15.84
N ALA D 284 -2.43 2.23 15.96
CA ALA D 284 -2.25 1.44 17.16
C ALA D 284 -1.89 2.33 18.33
N HIS D 285 -1.10 3.38 18.08
CA HIS D 285 -0.79 4.35 19.15
C HIS D 285 -2.06 5.04 19.60
N ALA D 286 -2.93 5.42 18.64
CA ALA D 286 -4.20 6.07 18.95
C ALA D 286 -5.06 5.22 19.91
N LEU D 287 -5.18 3.91 19.61
CA LEU D 287 -5.88 2.97 20.48
C LEU D 287 -5.29 2.94 21.90
N GLU D 288 -3.96 2.86 22.03
CA GLU D 288 -3.31 2.91 23.35
C GLU D 288 -3.77 4.16 24.13
N LYS D 289 -3.94 5.26 23.41
CA LYS D 289 -4.38 6.54 23.97
C LYS D 289 -5.90 6.77 24.13
N GLY D 290 -6.75 5.85 23.70
CA GLY D 290 -8.22 6.09 23.78
C GLY D 290 -8.91 6.69 22.56
N PHE D 291 -8.40 6.42 21.36
CA PHE D 291 -8.98 6.95 20.12
C PHE D 291 -8.88 5.92 19.02
N THR D 292 -9.74 6.08 18.01
CA THR D 292 -9.68 5.27 16.81
C THR D 292 -9.70 6.24 15.64
N ILE D 293 -8.81 6.02 14.68
CA ILE D 293 -8.65 6.91 13.56
C ILE D 293 -8.97 6.12 12.34
N ASN D 294 -9.82 6.65 11.49
CA ASN D 294 -9.90 6.07 10.15
C ASN D 294 -9.67 7.14 9.11
N GLU D 295 -10.04 6.87 7.85
CA GLU D 295 -9.83 7.83 6.78
C GLU D 295 -10.79 9.03 6.81
N TYR D 296 -11.76 8.98 7.72
CA TYR D 296 -12.79 9.97 7.83
C TYR D 296 -12.70 10.80 9.11
N THR D 297 -12.49 10.13 10.23
CA THR D 297 -12.55 10.78 11.52
C THR D 297 -11.49 10.24 12.46
N ILE D 298 -11.26 11.03 13.51
CA ILE D 298 -10.69 10.54 14.75
C ILE D 298 -11.70 10.66 15.87
N ARG D 299 -11.91 9.56 16.61
CA ARG D 299 -12.98 9.50 17.60
C ARG D 299 -12.50 8.93 18.93
N PRO D 300 -13.06 9.37 20.06
CA PRO D 300 -12.70 8.80 21.38
C PRO D 300 -13.21 7.38 21.53
N LEU D 301 -12.55 6.60 22.37
CA LEU D 301 -13.07 5.30 22.77
C LEU D 301 -13.66 5.19 24.19
N GLY D 302 -14.97 4.89 24.21
CA GLY D 302 -15.75 4.68 25.44
C GLY D 302 -15.34 3.41 26.17
N VAL D 303 -15.47 3.47 27.50
CA VAL D 303 -15.08 2.38 28.41
C VAL D 303 -15.35 1.02 27.77
N THR D 304 -16.60 0.84 27.35
CA THR D 304 -17.09 -0.41 26.78
C THR D 304 -17.01 -0.35 25.27
N GLY D 305 -15.77 -0.37 24.75
CA GLY D 305 -15.49 -0.50 23.31
C GLY D 305 -16.19 0.41 22.31
N VAL D 306 -16.94 1.40 22.79
CA VAL D 306 -17.85 2.16 21.93
C VAL D 306 -17.17 3.45 21.52
N ALA D 307 -17.14 3.69 20.21
CA ALA D 307 -16.53 4.87 19.64
C ALA D 307 -17.49 6.05 19.71
N GLY D 308 -17.05 7.14 20.33
CA GLY D 308 -17.87 8.33 20.47
C GLY D 308 -17.93 9.18 19.21
N GLU D 309 -18.19 10.46 19.42
CA GLU D 309 -18.41 11.36 18.31
C GLU D 309 -17.09 11.87 17.73
N PRO D 310 -17.08 12.14 16.40
CA PRO D 310 -15.88 12.66 15.77
C PRO D 310 -15.41 13.95 16.38
N LEU D 311 -14.11 14.02 16.62
CA LEU D 311 -13.48 15.22 17.14
C LEU D 311 -13.26 16.28 16.05
N PRO D 312 -13.22 17.56 16.44
CA PRO D 312 -13.01 18.56 15.40
C PRO D 312 -11.57 18.48 14.93
N VAL D 313 -11.36 18.59 13.63
CA VAL D 313 -10.04 18.52 13.04
C VAL D 313 -10.01 19.55 11.94
N ASP D 314 -9.03 20.43 11.96
CA ASP D 314 -8.87 21.38 10.87
C ASP D 314 -7.48 21.38 10.29
N SER D 315 -6.65 20.41 10.66
CA SER D 315 -5.35 20.26 10.05
C SER D 315 -4.94 18.81 10.19
N GLU D 316 -3.88 18.42 9.49
CA GLU D 316 -3.29 17.11 9.66
C GLU D 316 -2.67 17.01 11.06
N LYS D 317 -2.05 18.11 11.45
CA LYS D 317 -1.37 18.22 12.75
C LYS D 317 -2.33 18.03 13.92
N ASP D 318 -3.59 18.42 13.75
CA ASP D 318 -4.60 18.22 14.81
C ASP D 318 -4.68 16.77 15.22
N ILE D 319 -4.53 15.87 14.25
CA ILE D 319 -4.77 14.46 14.53
C ILE D 319 -3.63 13.92 15.39
N PHE D 320 -2.41 14.39 15.09
CA PHE D 320 -1.21 14.05 15.87
C PHE D 320 -1.26 14.61 17.30
N ASP D 321 -1.76 15.85 17.47
CA ASP D 321 -1.87 16.47 18.78
C ASP D 321 -2.73 15.58 19.70
N TYR D 322 -3.89 15.17 19.19
CA TYR D 322 -4.87 14.44 19.98
C TYR D 322 -4.22 13.24 20.64
N ILE D 323 -3.33 12.56 19.93
CA ILE D 323 -2.69 11.35 20.46
C ILE D 323 -1.28 11.68 20.96
N GLN D 324 -0.98 12.97 21.04
CA GLN D 324 0.25 13.44 21.63
C GLN D 324 1.49 12.93 20.91
N TRP D 325 1.51 13.19 19.60
CA TRP D 325 2.67 12.93 18.74
C TRP D 325 3.18 14.27 18.21
N LYS D 326 4.49 14.41 18.18
CA LYS D 326 5.13 15.47 17.42
C LYS D 326 4.76 15.23 15.94
N TYR D 327 4.47 16.33 15.24
CA TYR D 327 4.07 16.29 13.86
C TYR D 327 5.21 15.75 13.04
N ARG D 328 4.86 14.82 12.15
CA ARG D 328 5.80 14.30 11.19
C ARG D 328 5.37 14.73 9.79
N GLU D 329 6.31 15.32 9.07
CA GLU D 329 6.11 15.72 7.71
C GLU D 329 5.91 14.47 6.88
N PRO D 330 5.11 14.56 5.79
CA PRO D 330 4.92 13.40 4.95
C PRO D 330 6.21 12.65 4.69
N LYS D 331 7.28 13.37 4.39
CA LYS D 331 8.54 12.72 4.01
C LYS D 331 9.20 11.98 5.17
N ASP D 332 8.78 12.27 6.40
CA ASP D 332 9.29 11.51 7.54
C ASP D 332 8.30 10.43 7.96
N ARG D 333 7.48 9.93 7.03
CA ARG D 333 6.53 8.85 7.32
C ARG D 333 6.79 7.61 6.51
N SER D 334 7.92 7.59 5.79
CA SER D 334 8.29 6.48 4.93
C SER D 334 8.94 5.36 5.74
N GLU D 335 9.04 4.18 5.12
CA GLU D 335 9.65 2.95 5.64
C GLU D 335 8.67 2.16 6.54
CA CA E . -1.93 2.36 -4.52
CA CA F . -1.47 -10.29 -5.57
NA NA G . 11.93 -5.28 22.14
PA TTP H . 0.23 2.04 -1.71
O1A TTP H . 0.30 0.51 -1.49
O2A TTP H . 0.09 2.67 -3.04
O3A TTP H . 1.57 2.54 -0.93
PB TTP H . 2.66 3.72 -1.14
O1B TTP H . 2.96 4.21 0.26
O2B TTP H . 2.22 4.82 -2.08
O3B TTP H . 3.92 2.91 -1.70
PG TTP H . 4.42 2.61 -3.25
O1G TTP H . 5.53 3.61 -3.56
O2G TTP H . 4.98 1.17 -3.10
O3G TTP H . 3.16 2.65 -4.20
O5' TTP H . -1.00 2.52 -0.72
C5' TTP H . -1.44 3.87 -0.65
C4' TTP H . -1.59 4.31 0.80
O4' TTP H . -2.70 3.63 1.39
C3' TTP H . -0.41 4.08 1.75
O3' TTP H . 0.71 5.01 1.67
C2' TTP H . -1.19 4.17 3.05
C1' TTP H . -2.50 3.47 2.75
N1 TTP H . -2.44 2.02 3.01
C2 TTP H . -2.98 1.56 4.21
O2 TTP H . -3.44 2.40 5.02
N3 TTP H . -2.94 0.24 4.49
C4 TTP H . -2.44 -0.63 3.64
O4 TTP H . -2.39 -1.83 3.91
C5 TTP H . -1.88 -0.20 2.35
C5M TTP H . -1.29 -1.23 1.37
C6 TTP H . -1.92 1.16 2.11
CA CA I . 1.37 4.28 -4.27
NA NA J . -0.94 0.24 -26.75
#